data_2Y96
#
_entry.id   2Y96
#
_cell.length_a   126.012
_cell.length_b   126.012
_cell.length_c   125.758
_cell.angle_alpha   90.00
_cell.angle_beta   90.00
_cell.angle_gamma   120.00
#
_symmetry.space_group_name_H-M   'P 64 2 2'
#
loop_
_entity.id
_entity.type
_entity.pdbx_description
1 polymer 'DUAL SPECIFICITY PHOSPHATASE DUPD1'
2 non-polymer 'SULFATE ION'
3 water water
#
_entity_poly.entity_id   1
_entity_poly.type   'polypeptide(L)'
_entity_poly.pdbx_seq_one_letter_code
;TSGEVKTSLKNAYSSAKRLSPKMEEEGEEEDYCTPGAFELERLFWKGSPQYTHVNEVWPKLYIGDEATALDRYRLQKAGF
THVLNAAHGRWNVDTGPDYYRDMDIQYHGVEADDLPTFDLSVFFYPAAAFIDRALSDDHSKILVHCVMGRSRSATLVLAY
LMIHKDMTLVDAIQQVAKNRCVLPNRGFLKQLRELDKQLVQQRRRSQRQDGEEEDGREL
;
_entity_poly.pdbx_strand_id   A,B
#
# COMPACT_ATOMS: atom_id res chain seq x y z
N ASP A 31 23.24 11.60 -6.05
CA ASP A 31 22.93 11.43 -4.59
C ASP A 31 22.40 10.00 -4.21
N TYR A 32 21.24 9.56 -4.73
CA TYR A 32 20.83 8.16 -4.51
C TYR A 32 21.80 7.26 -5.25
N CYS A 33 22.26 6.21 -4.58
CA CYS A 33 22.99 5.15 -5.28
C CYS A 33 22.36 3.80 -4.94
N THR A 34 22.64 2.81 -5.77
CA THR A 34 22.09 1.49 -5.59
C THR A 34 22.81 0.82 -4.43
N PRO A 35 22.08 0.51 -3.34
CA PRO A 35 22.71 -0.18 -2.23
C PRO A 35 23.21 -1.57 -2.65
N GLY A 36 24.15 -2.12 -1.88
CA GLY A 36 24.65 -3.48 -2.07
C GLY A 36 23.58 -4.55 -1.82
N ALA A 37 23.93 -5.77 -2.20
CA ALA A 37 23.01 -6.89 -2.22
C ALA A 37 22.49 -7.17 -0.80
N PHE A 38 23.39 -7.06 0.18
CA PHE A 38 23.05 -7.42 1.52
C PHE A 38 21.92 -6.53 2.05
N GLU A 39 22.02 -5.22 1.79
CA GLU A 39 21.01 -4.28 2.32
C GLU A 39 19.73 -4.27 1.50
N LEU A 40 19.81 -4.59 0.23
CA LEU A 40 18.59 -4.80 -0.57
C LEU A 40 17.83 -6.01 -0.02
N GLU A 41 18.55 -7.05 0.36
CA GLU A 41 17.91 -8.18 1.02
C GLU A 41 17.23 -7.84 2.31
N ARG A 42 17.88 -7.02 3.12
CA ARG A 42 17.27 -6.56 4.35
C ARG A 42 15.92 -5.93 4.03
N LEU A 43 15.88 -5.19 2.92
CA LEU A 43 14.66 -4.50 2.54
C LEU A 43 13.52 -5.47 2.26
N PHE A 44 13.81 -6.56 1.54
CA PHE A 44 12.79 -7.58 1.28
C PHE A 44 12.28 -8.24 2.57
N TRP A 45 13.16 -8.46 3.52
CA TRP A 45 12.81 -9.16 4.77
C TRP A 45 12.21 -8.24 5.81
N LYS A 46 12.77 -7.05 5.96
CA LYS A 46 12.44 -6.19 7.12
C LYS A 46 11.85 -4.84 6.78
N GLY A 47 11.75 -4.51 5.50
CA GLY A 47 11.49 -3.12 5.11
C GLY A 47 10.04 -2.68 5.19
N SER A 48 9.11 -3.62 5.23
CA SER A 48 7.69 -3.33 5.11
C SER A 48 6.94 -3.95 6.26
N PRO A 49 6.11 -3.18 6.95
CA PRO A 49 6.01 -1.70 7.02
C PRO A 49 7.25 -1.12 7.67
N GLN A 50 7.61 0.09 7.32
CA GLN A 50 8.74 0.78 7.98
C GLN A 50 8.27 1.50 9.26
N TYR A 51 9.14 1.60 10.26
CA TYR A 51 8.83 2.37 11.45
C TYR A 51 9.52 3.72 11.34
N THR A 52 8.77 4.71 10.86
CA THR A 52 9.29 6.05 10.68
C THR A 52 8.32 7.07 11.28
N HIS A 53 8.74 8.32 11.33
CA HIS A 53 7.92 9.40 11.87
C HIS A 53 6.62 9.64 11.09
N VAL A 54 6.69 9.64 9.77
CA VAL A 54 5.53 9.86 8.94
C VAL A 54 5.57 8.87 7.75
N ASN A 55 4.39 8.51 7.22
CA ASN A 55 4.27 7.60 6.05
C ASN A 55 3.05 8.03 5.26
N GLU A 56 3.15 7.94 3.95
CA GLU A 56 2.01 8.05 3.08
C GLU A 56 1.24 6.75 3.20
N VAL A 57 -0.04 6.80 3.58
CA VAL A 57 -0.84 5.58 3.76
C VAL A 57 -1.98 5.42 2.74
N TRP A 58 -2.13 6.44 1.89
CA TRP A 58 -3.15 6.50 0.83
C TRP A 58 -2.65 7.71 0.02
N PRO A 59 -2.97 7.77 -1.28
CA PRO A 59 -2.37 8.84 -2.07
C PRO A 59 -2.66 10.24 -1.51
N LYS A 60 -1.58 10.98 -1.25
CA LYS A 60 -1.65 12.34 -0.71
C LYS A 60 -2.12 12.41 0.74
N LEU A 61 -2.21 11.25 1.41
CA LEU A 61 -2.67 11.20 2.76
C LEU A 61 -1.57 10.62 3.63
N TYR A 62 -1.00 11.43 4.53
CA TYR A 62 0.07 10.97 5.42
C TYR A 62 -0.39 10.85 6.88
N ILE A 63 0.12 9.84 7.60
CA ILE A 63 -0.06 9.74 9.03
C ILE A 63 1.30 9.92 9.65
N GLY A 64 1.41 10.93 10.51
CA GLY A 64 2.67 11.24 11.18
C GLY A 64 2.54 11.47 12.68
N ASP A 65 3.69 11.73 13.29
CA ASP A 65 3.78 11.93 14.70
C ASP A 65 3.98 13.43 15.00
N GLU A 66 4.17 13.75 16.28
CA GLU A 66 4.29 15.13 16.74
C GLU A 66 5.48 15.87 16.12
N ALA A 67 6.65 15.22 16.04
CA ALA A 67 7.82 15.85 15.42
C ALA A 67 7.48 16.34 14.03
N THR A 68 6.74 15.52 13.28
CA THR A 68 6.40 15.81 11.89
C THR A 68 5.52 17.04 11.82
N ALA A 69 4.53 17.11 12.71
CA ALA A 69 3.60 18.23 12.79
C ALA A 69 4.31 19.52 13.13
N LEU A 70 5.41 19.43 13.91
CA LEU A 70 6.11 20.61 14.43
C LEU A 70 7.11 21.21 13.46
N ASP A 71 7.71 20.37 12.63
CA ASP A 71 8.74 20.77 11.68
C ASP A 71 8.13 21.49 10.46
N ARG A 72 7.96 22.80 10.58
CA ARG A 72 7.26 23.59 9.57
C ARG A 72 8.07 23.79 8.29
N TYR A 73 9.38 23.97 8.43
CA TYR A 73 10.24 24.05 7.26
C TYR A 73 9.99 22.83 6.37
N ARG A 74 10.00 21.65 6.98
CA ARG A 74 9.91 20.37 6.27
C ARG A 74 8.53 20.07 5.72
N LEU A 75 7.48 20.54 6.40
CA LEU A 75 6.11 20.43 5.88
C LEU A 75 5.97 21.30 4.65
N GLN A 76 6.46 22.54 4.73
CA GLN A 76 6.30 23.48 3.60
C GLN A 76 7.11 23.07 2.37
N LYS A 77 8.37 22.70 2.60
CA LYS A 77 9.22 22.07 1.57
C LYS A 77 8.55 20.87 0.87
N ALA A 78 7.75 20.08 1.60
CA ALA A 78 7.07 18.91 1.01
C ALA A 78 5.68 19.22 0.43
N GLY A 79 5.24 20.48 0.51
CA GLY A 79 3.95 20.88 -0.03
C GLY A 79 2.68 20.49 0.73
N PHE A 80 2.74 20.33 2.05
CA PHE A 80 1.50 20.08 2.81
C PHE A 80 0.54 21.28 2.74
N THR A 81 -0.73 20.99 2.47
CA THR A 81 -1.79 22.00 2.39
C THR A 81 -2.84 21.85 3.51
N HIS A 82 -2.82 20.74 4.24
CA HIS A 82 -3.79 20.46 5.28
C HIS A 82 -3.11 19.70 6.42
N VAL A 83 -3.45 20.05 7.65
CA VAL A 83 -2.98 19.35 8.84
C VAL A 83 -4.21 19.08 9.69
N LEU A 84 -4.44 17.81 10.01
CA LEU A 84 -5.49 17.38 10.93
C LEU A 84 -4.79 16.86 12.15
N ASN A 85 -4.95 17.57 13.25
CA ASN A 85 -4.29 17.26 14.48
C ASN A 85 -5.30 16.52 15.37
N ALA A 86 -5.03 15.24 15.52
CA ALA A 86 -5.90 14.35 16.23
C ALA A 86 -5.50 14.34 17.71
N ALA A 87 -4.57 15.21 18.08
CA ALA A 87 -4.21 15.40 19.48
C ALA A 87 -4.23 16.89 19.74
N HIS A 88 -5.25 17.58 19.24
CA HIS A 88 -5.41 19.00 19.48
C HIS A 88 -5.60 19.38 20.93
N GLY A 89 -5.12 20.56 21.28
CA GLY A 89 -5.38 21.13 22.58
C GLY A 89 -4.12 21.57 23.31
N ARG A 90 -4.31 22.48 24.25
CA ARG A 90 -3.17 23.00 24.98
CA ARG A 90 -3.24 23.03 25.06
C ARG A 90 -2.58 21.92 25.93
N TRP A 91 -3.34 20.86 26.25
CA TRP A 91 -2.81 19.74 27.07
C TRP A 91 -2.25 18.56 26.24
N ASN A 92 -2.34 18.67 24.91
CA ASN A 92 -1.89 17.62 24.02
C ASN A 92 -0.79 18.20 23.13
N VAL A 93 -0.94 18.15 21.81
CA VAL A 93 0.04 18.75 20.89
C VAL A 93 -0.46 20.15 20.58
N ASP A 94 0.13 21.13 21.27
CA ASP A 94 -0.35 22.51 21.29
C ASP A 94 0.20 23.31 20.14
N THR A 95 -0.44 23.14 18.98
CA THR A 95 -0.12 23.88 17.76
C THR A 95 -1.32 24.77 17.40
N GLY A 96 -2.37 24.19 16.85
CA GLY A 96 -3.52 24.95 16.38
C GLY A 96 -3.23 25.75 15.12
N PRO A 97 -4.27 26.43 14.58
CA PRO A 97 -4.12 27.16 13.30
C PRO A 97 -3.08 28.27 13.34
N ASP A 98 -2.97 28.93 14.47
CA ASP A 98 -1.97 29.97 14.66
C ASP A 98 -0.56 29.44 14.40
N TYR A 99 -0.28 28.22 14.83
CA TYR A 99 1.04 27.62 14.64
C TYR A 99 1.45 27.56 13.16
N TYR A 100 0.47 27.42 12.27
CA TYR A 100 0.73 27.37 10.85
C TYR A 100 0.43 28.69 10.12
N ARG A 101 0.41 29.81 10.84
CA ARG A 101 0.14 31.11 10.22
C ARG A 101 1.14 31.40 9.09
N ASP A 102 0.66 32.04 8.05
CA ASP A 102 1.47 32.42 6.87
C ASP A 102 1.90 31.24 5.99
N MET A 103 1.55 30.01 6.35
CA MET A 103 2.04 28.84 5.61
C MET A 103 1.08 28.29 4.57
N ASP A 104 -0.18 28.71 4.61
CA ASP A 104 -1.19 28.26 3.63
C ASP A 104 -1.60 26.81 3.88
N ILE A 105 -1.87 26.52 5.15
CA ILE A 105 -2.36 25.24 5.63
C ILE A 105 -3.78 25.41 6.16
N GLN A 106 -4.69 24.49 5.83
CA GLN A 106 -5.97 24.44 6.53
C GLN A 106 -5.84 23.45 7.67
N TYR A 107 -6.34 23.84 8.83
CA TYR A 107 -6.20 23.06 10.04
C TYR A 107 -7.53 22.55 10.53
N HIS A 108 -7.55 21.31 10.98
CA HIS A 108 -8.71 20.75 11.63
C HIS A 108 -8.16 20.11 12.92
N GLY A 109 -8.79 20.42 14.03
CA GLY A 109 -8.36 19.95 15.32
C GLY A 109 -9.37 19.05 15.99
N VAL A 110 -8.94 17.88 16.40
CA VAL A 110 -9.76 16.98 17.20
C VAL A 110 -9.05 16.85 18.52
N GLU A 111 -9.69 17.32 19.59
CA GLU A 111 -9.10 17.26 20.91
C GLU A 111 -9.22 15.89 21.61
N ALA A 112 -8.35 14.93 21.30
CA ALA A 112 -8.58 13.54 21.76
C ALA A 112 -7.47 13.00 22.68
N ASP A 113 -7.86 12.17 23.65
CA ASP A 113 -6.91 11.40 24.47
C ASP A 113 -6.77 10.01 23.88
N ASP A 114 -5.55 9.45 23.91
CA ASP A 114 -5.35 8.02 23.54
C ASP A 114 -5.73 7.14 24.73
N LEU A 115 -7.02 6.97 24.90
CA LEU A 115 -7.53 6.21 26.03
C LEU A 115 -8.71 5.43 25.49
N PRO A 116 -8.85 4.18 25.92
CA PRO A 116 -10.00 3.37 25.56
C PRO A 116 -11.36 3.90 26.02
N THR A 117 -11.36 4.80 27.01
CA THR A 117 -12.58 5.45 27.48
C THR A 117 -12.97 6.70 26.61
N PHE A 118 -12.13 7.12 25.66
CA PHE A 118 -12.41 8.36 24.98
C PHE A 118 -13.21 8.04 23.75
N ASP A 119 -14.31 8.80 23.54
CA ASP A 119 -15.26 8.58 22.44
C ASP A 119 -14.71 9.36 21.25
N LEU A 120 -13.83 8.69 20.51
CA LEU A 120 -13.34 9.26 19.26
C LEU A 120 -14.41 9.21 18.14
N SER A 121 -15.46 8.41 18.33
CA SER A 121 -16.39 8.15 17.29
C SER A 121 -17.28 9.33 16.92
N VAL A 122 -17.57 10.24 17.87
CA VAL A 122 -18.32 11.48 17.49
C VAL A 122 -17.57 12.28 16.45
N PHE A 123 -16.23 12.14 16.42
CA PHE A 123 -15.40 12.88 15.50
C PHE A 123 -15.25 12.21 14.12
N PHE A 124 -15.73 10.96 13.96
CA PHE A 124 -15.42 10.17 12.74
C PHE A 124 -15.89 10.88 11.48
N TYR A 125 -17.15 11.31 11.43
CA TYR A 125 -17.67 11.82 10.14
C TYR A 125 -17.09 13.19 9.76
N PRO A 126 -17.06 14.14 10.71
CA PRO A 126 -16.53 15.44 10.32
C PRO A 126 -15.03 15.47 10.10
N ALA A 127 -14.26 14.74 10.88
CA ALA A 127 -12.84 14.55 10.56
C ALA A 127 -12.68 13.91 9.18
N ALA A 128 -13.45 12.89 8.88
CA ALA A 128 -13.33 12.25 7.57
C ALA A 128 -13.72 13.22 6.47
N ALA A 129 -14.69 14.09 6.76
CA ALA A 129 -15.20 15.02 5.73
C ALA A 129 -14.10 16.01 5.38
N PHE A 130 -13.28 16.34 6.39
CA PHE A 130 -12.15 17.24 6.21
C PHE A 130 -11.07 16.60 5.35
N ILE A 131 -10.75 15.33 5.63
CA ILE A 131 -9.81 14.58 4.79
C ILE A 131 -10.35 14.48 3.34
N ASP A 132 -11.64 14.22 3.19
CA ASP A 132 -12.26 14.08 1.85
C ASP A 132 -12.25 15.36 1.04
N ARG A 133 -12.55 16.49 1.69
CA ARG A 133 -12.48 17.79 0.98
C ARG A 133 -11.07 18.14 0.56
N ALA A 134 -10.07 17.79 1.36
CA ALA A 134 -8.68 18.02 1.00
C ALA A 134 -8.34 17.20 -0.22
N LEU A 135 -8.71 15.92 -0.20
CA LEU A 135 -8.31 14.98 -1.24
C LEU A 135 -9.09 15.09 -2.54
N SER A 136 -10.16 15.89 -2.58
CA SER A 136 -10.84 16.27 -3.82
C SER A 136 -9.98 17.08 -4.76
N ASP A 137 -9.07 17.84 -4.18
CA ASP A 137 -8.19 18.67 -4.95
C ASP A 137 -6.86 17.93 -5.10
N ASP A 138 -6.55 17.55 -6.34
CA ASP A 138 -5.25 16.95 -6.72
C ASP A 138 -4.02 17.63 -6.10
N HIS A 139 -4.04 18.96 -6.01
CA HIS A 139 -2.93 19.72 -5.43
C HIS A 139 -2.74 19.48 -3.92
N SER A 140 -3.75 18.99 -3.21
CA SER A 140 -3.66 18.91 -1.77
C SER A 140 -2.78 17.76 -1.30
N LYS A 141 -2.20 17.94 -0.13
CA LYS A 141 -1.43 16.93 0.52
C LYS A 141 -1.63 17.13 2.00
N ILE A 142 -2.17 16.11 2.66
CA ILE A 142 -2.66 16.25 4.03
C ILE A 142 -1.88 15.42 5.06
N LEU A 143 -1.56 16.05 6.20
CA LEU A 143 -0.96 15.34 7.34
C LEU A 143 -2.02 15.15 8.43
N VAL A 144 -2.25 13.90 8.81
CA VAL A 144 -3.08 13.57 9.96
C VAL A 144 -2.08 13.07 10.98
N HIS A 145 -2.00 13.71 12.14
CA HIS A 145 -1.02 13.31 13.17
C HIS A 145 -1.65 13.32 14.54
N CYS A 146 -0.98 12.65 15.48
CA CYS A 146 -1.27 12.79 16.91
C CYS A 146 0.07 12.94 17.64
N VAL A 147 0.34 12.23 18.74
CA VAL A 147 1.64 12.33 19.39
C VAL A 147 2.58 11.33 18.72
N MET A 148 2.13 10.07 18.60
CA MET A 148 2.92 9.01 17.95
C MET A 148 2.44 8.67 16.54
N GLY A 149 1.21 9.04 16.21
CA GLY A 149 0.66 8.68 14.90
C GLY A 149 0.47 7.20 14.75
N ARG A 150 0.14 6.53 15.86
CA ARG A 150 -0.17 5.11 15.85
C ARG A 150 -1.61 4.79 16.26
N SER A 151 -2.27 5.63 17.07
CA SER A 151 -3.56 5.25 17.61
C SER A 151 -4.66 6.23 17.25
N ARG A 152 -4.58 7.46 17.73
CA ARG A 152 -5.60 8.48 17.44
C ARG A 152 -5.73 8.79 15.96
N SER A 153 -4.63 9.20 15.34
CA SER A 153 -4.66 9.56 13.95
C SER A 153 -5.02 8.38 13.04
N ALA A 154 -4.43 7.24 13.33
CA ALA A 154 -4.71 5.99 12.64
C ALA A 154 -6.19 5.64 12.65
N THR A 155 -6.83 5.74 13.81
CA THR A 155 -8.29 5.50 13.92
C THR A 155 -9.09 6.42 12.99
N LEU A 156 -8.73 7.69 12.97
CA LEU A 156 -9.46 8.63 12.11
C LEU A 156 -9.32 8.28 10.64
N VAL A 157 -8.13 7.85 10.24
CA VAL A 157 -7.90 7.50 8.84
C VAL A 157 -8.57 6.16 8.47
N LEU A 158 -8.57 5.21 9.39
CA LEU A 158 -9.32 3.97 9.13
C LEU A 158 -10.79 4.32 8.85
N ALA A 159 -11.33 5.17 9.73
CA ALA A 159 -12.73 5.61 9.60
C ALA A 159 -12.93 6.30 8.26
N TYR A 160 -12.02 7.20 7.90
CA TYR A 160 -12.09 7.85 6.60
C TYR A 160 -12.21 6.83 5.48
N LEU A 161 -11.32 5.85 5.47
CA LEU A 161 -11.32 4.87 4.39
C LEU A 161 -12.62 4.08 4.34
N MET A 162 -13.17 3.79 5.51
CA MET A 162 -14.38 3.01 5.58
C MET A 162 -15.56 3.81 5.06
N ILE A 163 -15.62 5.09 5.44
CA ILE A 163 -16.75 5.93 5.10
C ILE A 163 -16.70 6.41 3.63
N HIS A 164 -15.53 6.87 3.17
CA HIS A 164 -15.45 7.53 1.87
C HIS A 164 -14.86 6.64 0.75
N LYS A 165 -14.19 5.55 1.10
CA LYS A 165 -13.66 4.65 0.05
C LYS A 165 -14.24 3.22 0.06
N ASP A 166 -15.42 3.05 0.67
CA ASP A 166 -16.17 1.80 0.56
C ASP A 166 -15.43 0.58 1.14
N MET A 167 -14.54 0.82 2.09
CA MET A 167 -13.76 -0.26 2.68
C MET A 167 -14.44 -0.87 3.93
N THR A 168 -14.25 -2.16 4.10
CA THR A 168 -14.50 -2.83 5.38
C THR A 168 -13.37 -2.38 6.34
N LEU A 169 -13.59 -2.55 7.64
CA LEU A 169 -12.55 -2.36 8.63
C LEU A 169 -11.29 -3.15 8.24
N VAL A 170 -11.46 -4.42 7.87
CA VAL A 170 -10.33 -5.28 7.47
C VAL A 170 -9.51 -4.68 6.29
N ASP A 171 -10.21 -4.28 5.23
CA ASP A 171 -9.56 -3.71 4.04
C ASP A 171 -8.79 -2.45 4.43
N ALA A 172 -9.41 -1.64 5.29
CA ALA A 172 -8.85 -0.38 5.72
C ALA A 172 -7.59 -0.61 6.54
N ILE A 173 -7.63 -1.60 7.42
CA ILE A 173 -6.46 -1.95 8.21
C ILE A 173 -5.33 -2.44 7.29
N GLN A 174 -5.64 -3.33 6.37
CA GLN A 174 -4.61 -3.80 5.44
C GLN A 174 -3.98 -2.62 4.66
N GLN A 175 -4.79 -1.64 4.29
CA GLN A 175 -4.31 -0.53 3.48
C GLN A 175 -3.34 0.34 4.29
N VAL A 176 -3.62 0.51 5.58
CA VAL A 176 -2.84 1.39 6.45
C VAL A 176 -1.65 0.68 7.07
N ALA A 177 -1.89 -0.47 7.66
CA ALA A 177 -0.83 -1.27 8.29
C ALA A 177 0.32 -1.62 7.34
N LYS A 178 0.06 -1.75 6.05
CA LYS A 178 1.16 -2.08 5.12
C LYS A 178 2.03 -0.84 4.84
N ASN A 179 1.51 0.36 5.10
CA ASN A 179 2.31 1.59 4.95
C ASN A 179 2.87 2.14 6.25
N ARG A 180 2.25 1.83 7.39
CA ARG A 180 2.67 2.41 8.69
C ARG A 180 2.38 1.44 9.81
N CYS A 181 3.29 1.28 10.75
CA CYS A 181 2.99 0.50 11.94
C CYS A 181 1.96 1.26 12.75
N VAL A 182 0.76 0.70 12.94
CA VAL A 182 -0.29 1.34 13.75
C VAL A 182 -0.99 0.29 14.65
N LEU A 183 -1.51 0.75 15.78
CA LEU A 183 -2.23 -0.09 16.73
C LEU A 183 -3.20 0.82 17.52
N PRO A 184 -4.41 1.05 17.00
CA PRO A 184 -5.39 1.77 17.81
C PRO A 184 -5.67 1.05 19.10
N ASN A 185 -5.97 1.78 20.17
CA ASN A 185 -6.26 1.16 21.47
C ASN A 185 -7.59 0.39 21.40
N ARG A 186 -7.78 -0.51 22.36
CA ARG A 186 -8.93 -1.41 22.37
C ARG A 186 -10.28 -0.72 22.26
N GLY A 187 -10.40 0.48 22.85
CA GLY A 187 -11.65 1.24 22.80
C GLY A 187 -11.89 1.80 21.42
N PHE A 188 -10.84 2.32 20.80
CA PHE A 188 -10.97 2.84 19.44
C PHE A 188 -11.31 1.72 18.48
N LEU A 189 -10.76 0.53 18.72
CA LEU A 189 -11.10 -0.64 17.90
C LEU A 189 -12.57 -1.03 17.98
N LYS A 190 -13.11 -1.04 19.19
CA LYS A 190 -14.49 -1.35 19.37
C LYS A 190 -15.32 -0.26 18.66
N GLN A 191 -14.86 0.99 18.73
CA GLN A 191 -15.60 2.06 18.06
C GLN A 191 -15.58 1.86 16.54
N LEU A 192 -14.44 1.43 16.01
CA LEU A 192 -14.35 1.12 14.58
C LEU A 192 -15.25 -0.06 14.23
N ARG A 193 -15.36 -1.02 15.15
CA ARG A 193 -16.19 -2.19 14.89
C ARG A 193 -17.65 -1.77 14.80
N GLU A 194 -18.07 -0.85 15.66
CA GLU A 194 -19.45 -0.38 15.66
C GLU A 194 -19.75 0.37 14.40
N LEU A 195 -18.79 1.13 13.92
CA LEU A 195 -18.95 1.80 12.63
C LEU A 195 -19.01 0.75 11.49
N ASP A 196 -18.07 -0.19 11.50
CA ASP A 196 -18.00 -1.22 10.45
C ASP A 196 -19.35 -1.93 10.31
N LYS A 197 -19.93 -2.39 11.42
CA LYS A 197 -21.19 -3.12 11.34
C LYS A 197 -22.27 -2.30 10.62
N GLN A 198 -22.27 -0.99 10.85
CA GLN A 198 -23.32 -0.14 10.30
C GLN A 198 -23.15 0.02 8.80
N LEU A 199 -21.91 0.28 8.40
CA LEU A 199 -21.59 0.48 7.01
C LEU A 199 -21.81 -0.78 6.20
N VAL A 200 -21.49 -1.93 6.78
CA VAL A 200 -21.74 -3.19 6.09
C VAL A 200 -23.25 -3.40 5.90
N GLN A 201 -24.01 -3.24 6.96
CA GLN A 201 -25.46 -3.29 6.88
C GLN A 201 -26.02 -2.33 5.78
N GLN A 202 -25.50 -1.11 5.77
CA GLN A 202 -25.89 -0.07 4.82
C GLN A 202 -25.59 -0.46 3.36
N ARG A 203 -24.46 -1.13 3.15
CA ARG A 203 -24.02 -1.52 1.82
C ARG A 203 -24.62 -2.81 1.28
N ARG A 204 -25.23 -3.62 2.12
CA ARG A 204 -26.13 -4.66 1.63
C ARG A 204 -27.21 -4.01 0.73
N ARG A 205 -27.80 -2.92 1.25
CA ARG A 205 -28.75 -2.05 0.53
C ARG A 205 -29.89 -2.85 -0.09
N ASP B 31 -21.59 -12.14 3.21
CA ASP B 31 -20.59 -13.11 3.73
C ASP B 31 -19.59 -12.53 4.77
N TYR B 32 -18.88 -11.47 4.41
CA TYR B 32 -18.01 -10.75 5.36
C TYR B 32 -18.72 -10.41 6.68
N CYS B 33 -18.03 -10.61 7.78
CA CYS B 33 -18.46 -10.04 9.05
C CYS B 33 -17.26 -9.43 9.78
N THR B 34 -17.57 -8.47 10.63
CA THR B 34 -16.56 -7.70 11.32
C THR B 34 -15.88 -8.60 12.34
N PRO B 35 -14.57 -8.80 12.21
CA PRO B 35 -13.91 -9.71 13.12
C PRO B 35 -13.86 -9.17 14.52
N GLY B 36 -13.71 -10.06 15.50
CA GLY B 36 -13.56 -9.66 16.89
C GLY B 36 -12.18 -9.09 17.14
N ALA B 37 -11.96 -8.63 18.39
CA ALA B 37 -10.77 -7.83 18.73
C ALA B 37 -9.49 -8.60 18.52
N PHE B 38 -9.44 -9.82 19.02
CA PHE B 38 -8.25 -10.64 18.91
C PHE B 38 -7.75 -10.72 17.48
N GLU B 39 -8.65 -11.04 16.57
CA GLU B 39 -8.30 -11.16 15.17
C GLU B 39 -7.98 -9.84 14.49
N LEU B 40 -8.62 -8.75 14.90
CA LEU B 40 -8.23 -7.43 14.38
C LEU B 40 -6.81 -7.13 14.79
N GLU B 41 -6.48 -7.42 16.05
CA GLU B 41 -5.13 -7.17 16.51
C GLU B 41 -4.05 -8.01 15.78
N ARG B 42 -4.37 -9.25 15.43
CA ARG B 42 -3.48 -10.06 14.61
C ARG B 42 -3.18 -9.35 13.30
N LEU B 43 -4.21 -8.74 12.73
CA LEU B 43 -4.08 -7.99 11.48
C LEU B 43 -3.11 -6.80 11.62
N PHE B 44 -3.17 -6.09 12.73
CA PHE B 44 -2.25 -4.96 12.93
C PHE B 44 -0.81 -5.42 13.03
N TRP B 45 -0.61 -6.62 13.55
CA TRP B 45 0.72 -7.14 13.86
C TRP B 45 1.30 -7.97 12.75
N LYS B 46 0.52 -8.90 12.22
CA LYS B 46 1.00 -9.89 11.26
C LYS B 46 0.40 -9.80 9.89
N GLY B 47 -0.56 -8.93 9.68
CA GLY B 47 -1.28 -8.89 8.42
C GLY B 47 -0.52 -8.36 7.19
N SER B 48 0.61 -7.68 7.41
CA SER B 48 1.25 -6.86 6.39
C SER B 48 2.76 -7.04 6.51
N PRO B 49 3.42 -7.45 5.43
CA PRO B 49 2.87 -7.93 4.18
C PRO B 49 2.17 -9.27 4.32
N GLN B 50 1.12 -9.42 3.55
CA GLN B 50 0.35 -10.64 3.61
C GLN B 50 0.98 -11.76 2.79
N TYR B 51 0.85 -12.99 3.28
CA TYR B 51 1.41 -14.14 2.63
C TYR B 51 0.27 -14.98 2.04
N THR B 52 0.05 -14.85 0.72
CA THR B 52 -1.11 -15.45 0.07
C THR B 52 -0.77 -15.96 -1.34
N HIS B 53 -1.74 -16.58 -1.99
CA HIS B 53 -1.56 -17.04 -3.35
C HIS B 53 -1.29 -15.93 -4.35
N VAL B 54 -2.03 -14.83 -4.24
CA VAL B 54 -1.94 -13.69 -5.15
C VAL B 54 -2.12 -12.43 -4.35
N ASN B 55 -1.55 -11.32 -4.82
CA ASN B 55 -1.79 -9.98 -4.25
C ASN B 55 -1.69 -8.95 -5.37
N GLU B 56 -2.44 -7.88 -5.22
CA GLU B 56 -2.29 -6.69 -6.08
C GLU B 56 -1.12 -5.88 -5.56
N VAL B 57 -0.14 -5.59 -6.40
CA VAL B 57 1.05 -4.88 -5.93
C VAL B 57 1.13 -3.46 -6.47
N TRP B 58 0.20 -3.12 -7.35
CA TRP B 58 0.17 -1.86 -8.09
C TRP B 58 -1.19 -1.87 -8.79
N PRO B 59 -1.79 -0.70 -9.05
CA PRO B 59 -3.19 -0.81 -9.48
C PRO B 59 -3.37 -1.63 -10.73
N LYS B 60 -4.25 -2.63 -10.61
CA LYS B 60 -4.57 -3.57 -11.70
C LYS B 60 -3.46 -4.56 -12.06
N LEU B 61 -2.40 -4.60 -11.26
CA LEU B 61 -1.23 -5.45 -11.48
C LEU B 61 -1.07 -6.39 -10.28
N TYR B 62 -1.27 -7.68 -10.54
CA TYR B 62 -1.24 -8.71 -9.53
C TYR B 62 -0.06 -9.65 -9.76
N ILE B 63 0.53 -10.09 -8.65
CA ILE B 63 1.54 -11.09 -8.67
C ILE B 63 0.96 -12.29 -7.90
N GLY B 64 1.10 -13.48 -8.49
CA GLY B 64 0.57 -14.67 -7.83
C GLY B 64 1.30 -15.92 -8.23
N ASP B 65 0.81 -17.04 -7.75
CA ASP B 65 1.48 -18.28 -7.92
C ASP B 65 0.76 -19.04 -8.99
N GLU B 66 1.04 -20.32 -9.14
CA GLU B 66 0.59 -21.10 -10.26
C GLU B 66 -0.87 -21.49 -10.10
N ALA B 67 -1.24 -21.91 -8.92
CA ALA B 67 -2.64 -22.15 -8.62
C ALA B 67 -3.53 -20.98 -9.08
N THR B 68 -3.12 -19.76 -8.82
CA THR B 68 -3.91 -18.59 -9.25
C THR B 68 -4.01 -18.48 -10.78
N ALA B 69 -2.94 -18.81 -11.50
CA ALA B 69 -2.91 -18.70 -12.98
C ALA B 69 -3.74 -19.80 -13.65
N LEU B 70 -3.86 -20.94 -12.99
CA LEU B 70 -4.48 -22.12 -13.57
C LEU B 70 -5.99 -22.12 -13.25
N ASP B 71 -6.40 -21.32 -12.29
CA ASP B 71 -7.79 -21.30 -11.89
C ASP B 71 -8.54 -20.27 -12.75
N ARG B 72 -8.84 -20.69 -13.95
CA ARG B 72 -9.24 -19.75 -14.99
C ARG B 72 -10.65 -19.22 -14.79
N TYR B 73 -11.52 -19.99 -14.16
CA TYR B 73 -12.84 -19.47 -13.81
C TYR B 73 -12.70 -18.29 -12.83
N ARG B 74 -11.86 -18.42 -11.81
CA ARG B 74 -11.59 -17.27 -10.90
C ARG B 74 -11.01 -16.05 -11.64
N LEU B 75 -10.04 -16.29 -12.55
CA LEU B 75 -9.45 -15.19 -13.33
C LEU B 75 -10.49 -14.44 -14.15
N GLN B 76 -11.39 -15.18 -14.78
CA GLN B 76 -12.38 -14.56 -15.63
C GLN B 76 -13.40 -13.79 -14.79
N LYS B 77 -13.87 -14.39 -13.69
CA LYS B 77 -14.80 -13.69 -12.81
C LYS B 77 -14.12 -12.49 -12.13
N ALA B 78 -12.82 -12.60 -11.83
CA ALA B 78 -12.09 -11.45 -11.28
C ALA B 78 -11.80 -10.37 -12.32
N GLY B 79 -12.25 -10.57 -13.55
CA GLY B 79 -12.06 -9.60 -14.62
C GLY B 79 -10.67 -9.54 -15.25
N PHE B 80 -9.84 -10.56 -15.03
CA PHE B 80 -8.50 -10.56 -15.61
C PHE B 80 -8.47 -10.62 -17.14
N THR B 81 -7.46 -9.96 -17.66
CA THR B 81 -7.39 -9.58 -19.06
C THR B 81 -6.06 -10.07 -19.68
N HIS B 82 -5.07 -10.31 -18.84
CA HIS B 82 -3.70 -10.58 -19.25
C HIS B 82 -3.06 -11.51 -18.20
N VAL B 83 -2.38 -12.54 -18.66
CA VAL B 83 -1.48 -13.33 -17.83
C VAL B 83 -0.08 -13.36 -18.44
N LEU B 84 0.91 -12.99 -17.65
CA LEU B 84 2.31 -13.09 -17.96
C LEU B 84 2.94 -14.17 -17.08
N ASN B 85 3.33 -15.28 -17.70
CA ASN B 85 3.90 -16.43 -17.01
C ASN B 85 5.39 -16.32 -17.15
N ALA B 86 6.05 -15.95 -16.07
CA ALA B 86 7.49 -15.93 -15.96
C ALA B 86 8.09 -17.34 -15.76
N ALA B 87 7.27 -18.39 -15.84
CA ALA B 87 7.74 -19.78 -15.76
C ALA B 87 7.08 -20.65 -16.85
N HIS B 88 6.96 -20.11 -18.06
CA HIS B 88 6.30 -20.84 -19.17
C HIS B 88 6.81 -22.30 -19.22
N ASP B 94 4.69 -25.85 -18.81
CA ASP B 94 3.86 -25.58 -19.97
C ASP B 94 2.41 -25.61 -19.55
N THR B 95 1.60 -24.71 -20.15
CA THR B 95 0.12 -24.80 -20.09
C THR B 95 -0.49 -24.55 -21.51
N GLY B 96 -0.33 -23.33 -22.03
CA GLY B 96 -0.77 -22.99 -23.42
C GLY B 96 -1.63 -21.72 -23.53
N PRO B 97 -1.48 -20.97 -24.63
CA PRO B 97 -2.48 -19.92 -24.86
C PRO B 97 -3.91 -20.42 -25.19
N ASP B 98 -4.08 -21.67 -25.66
CA ASP B 98 -5.44 -22.19 -25.91
C ASP B 98 -6.25 -22.31 -24.60
N TYR B 99 -5.54 -22.60 -23.50
CA TYR B 99 -6.14 -22.66 -22.18
C TYR B 99 -6.76 -21.31 -21.83
N TYR B 100 -6.07 -20.23 -22.20
CA TYR B 100 -6.53 -18.86 -21.89
C TYR B 100 -7.27 -18.17 -23.02
N ARG B 101 -6.92 -18.47 -24.27
CA ARG B 101 -7.53 -17.82 -25.46
C ARG B 101 -9.04 -18.12 -25.58
N ASP B 102 -9.48 -19.16 -24.88
CA ASP B 102 -10.91 -19.46 -24.84
C ASP B 102 -11.68 -18.54 -23.90
N MET B 103 -11.00 -17.54 -23.32
CA MET B 103 -11.63 -16.59 -22.39
C MET B 103 -11.26 -15.12 -22.55
N ASP B 104 -10.64 -14.77 -23.68
CA ASP B 104 -10.32 -13.36 -23.96
C ASP B 104 -9.27 -12.86 -22.95
N ILE B 105 -8.25 -13.69 -22.75
CA ILE B 105 -7.11 -13.33 -21.91
C ILE B 105 -5.86 -13.44 -22.78
N GLN B 106 -5.15 -12.33 -22.96
CA GLN B 106 -3.86 -12.34 -23.64
C GLN B 106 -2.81 -12.99 -22.75
N TYR B 107 -2.17 -14.03 -23.26
CA TYR B 107 -1.16 -14.75 -22.52
C TYR B 107 0.21 -14.51 -23.14
N HIS B 108 1.25 -14.46 -22.32
CA HIS B 108 2.61 -14.69 -22.82
C HIS B 108 3.45 -15.42 -21.76
N GLY B 109 4.27 -16.35 -22.22
CA GLY B 109 5.16 -17.10 -21.36
C GLY B 109 6.63 -16.77 -21.58
N VAL B 110 7.34 -16.33 -20.55
CA VAL B 110 8.81 -16.20 -20.56
C VAL B 110 9.33 -17.53 -19.94
N GLU B 111 10.25 -18.20 -20.58
CA GLU B 111 10.59 -19.54 -20.15
C GLU B 111 11.81 -19.44 -19.22
N ALA B 112 11.60 -18.93 -18.01
CA ALA B 112 12.70 -18.65 -17.11
C ALA B 112 12.80 -19.68 -15.98
N ASP B 113 14.01 -19.92 -15.50
CA ASP B 113 14.21 -20.80 -14.35
C ASP B 113 14.54 -19.92 -13.14
N ASP B 114 14.17 -20.36 -11.95
CA ASP B 114 14.49 -19.57 -10.79
C ASP B 114 15.82 -20.01 -10.20
N LEU B 115 16.87 -19.55 -10.84
CA LEU B 115 18.23 -19.94 -10.56
C LEU B 115 19.04 -18.69 -10.77
N PRO B 116 20.06 -18.46 -9.93
CA PRO B 116 20.96 -17.34 -10.17
C PRO B 116 21.70 -17.37 -11.52
N THR B 117 21.76 -18.53 -12.17
CA THR B 117 22.43 -18.66 -13.47
C THR B 117 21.51 -18.40 -14.66
N PHE B 118 20.29 -17.96 -14.41
CA PHE B 118 19.39 -17.49 -15.45
C PHE B 118 19.43 -15.96 -15.51
N ASP B 119 19.71 -15.41 -16.68
CA ASP B 119 19.77 -13.95 -16.84
C ASP B 119 18.38 -13.49 -17.28
N LEU B 120 17.57 -13.19 -16.29
CA LEU B 120 16.23 -12.67 -16.52
C LEU B 120 16.26 -11.26 -17.11
N SER B 121 17.40 -10.57 -17.05
CA SER B 121 17.51 -9.22 -17.59
C SER B 121 17.28 -9.14 -19.06
N VAL B 122 17.47 -10.25 -19.75
CA VAL B 122 17.14 -10.33 -21.17
C VAL B 122 15.66 -9.98 -21.44
N PHE B 123 14.80 -10.17 -20.43
CA PHE B 123 13.37 -9.95 -20.57
C PHE B 123 12.85 -8.70 -19.89
N PHE B 124 13.68 -7.94 -19.21
CA PHE B 124 13.16 -6.78 -18.46
C PHE B 124 12.38 -5.83 -19.40
N TYR B 125 12.97 -5.41 -20.51
CA TYR B 125 12.30 -4.46 -21.40
C TYR B 125 11.06 -5.05 -22.05
N PRO B 126 11.15 -6.27 -22.60
CA PRO B 126 9.90 -6.72 -23.28
C PRO B 126 8.79 -7.16 -22.33
N ALA B 127 9.12 -7.73 -21.18
CA ALA B 127 8.11 -8.00 -20.17
C ALA B 127 7.51 -6.67 -19.70
N ALA B 128 8.35 -5.68 -19.40
CA ALA B 128 7.84 -4.40 -18.92
C ALA B 128 6.94 -3.76 -19.98
N ALA B 129 7.31 -3.88 -21.26
CA ALA B 129 6.49 -3.34 -22.35
C ALA B 129 5.12 -4.00 -22.38
N PHE B 130 5.09 -5.31 -22.15
CA PHE B 130 3.82 -6.05 -22.11
C PHE B 130 2.91 -5.50 -20.99
N ILE B 131 3.49 -5.38 -19.80
CA ILE B 131 2.79 -4.86 -18.65
C ILE B 131 2.34 -3.43 -18.94
N ASP B 132 3.20 -2.59 -19.49
CA ASP B 132 2.80 -1.17 -19.76
C ASP B 132 1.64 -1.06 -20.73
N ARG B 133 1.68 -1.91 -21.73
CA ARG B 133 0.66 -1.92 -22.78
C ARG B 133 -0.70 -2.33 -22.17
N ALA B 134 -0.67 -3.36 -21.32
CA ALA B 134 -1.87 -3.86 -20.68
C ALA B 134 -2.48 -2.78 -19.77
N LEU B 135 -1.63 -2.13 -18.97
CA LEU B 135 -2.06 -1.12 -18.02
C LEU B 135 -2.42 0.22 -18.66
N SER B 136 -2.09 0.41 -19.93
CA SER B 136 -2.51 1.58 -20.71
C SER B 136 -4.02 1.71 -20.81
N ASP B 137 -4.68 0.57 -20.92
CA ASP B 137 -6.12 0.49 -20.96
C ASP B 137 -6.63 0.35 -19.51
N ASP B 138 -7.66 1.12 -19.17
CA ASP B 138 -8.30 1.09 -17.83
C ASP B 138 -9.06 -0.22 -17.55
N HIS B 139 -9.67 -0.79 -18.57
CA HIS B 139 -10.38 -2.08 -18.45
C HIS B 139 -9.49 -3.29 -18.08
N SER B 140 -8.18 -3.17 -18.27
CA SER B 140 -7.28 -4.29 -18.09
C SER B 140 -6.87 -4.55 -16.61
N LYS B 141 -6.70 -5.83 -16.31
CA LYS B 141 -6.20 -6.33 -15.06
C LYS B 141 -5.24 -7.46 -15.45
N ILE B 142 -3.99 -7.38 -14.98
CA ILE B 142 -2.95 -8.32 -15.39
C ILE B 142 -2.42 -9.15 -14.21
N LEU B 143 -2.22 -10.45 -14.43
CA LEU B 143 -1.56 -11.34 -13.48
C LEU B 143 -0.16 -11.69 -13.97
N VAL B 144 0.87 -11.30 -13.23
CA VAL B 144 2.22 -11.77 -13.46
C VAL B 144 2.48 -12.91 -12.51
N HIS B 145 2.82 -14.09 -13.02
CA HIS B 145 3.01 -15.19 -12.10
C HIS B 145 4.21 -16.06 -12.42
N CYS B 146 4.61 -16.87 -11.45
CA CYS B 146 5.54 -17.98 -11.69
C CYS B 146 5.04 -19.16 -10.87
N VAL B 147 5.91 -20.05 -10.38
CA VAL B 147 5.42 -21.22 -9.66
C VAL B 147 4.92 -20.79 -8.27
N MET B 148 5.78 -20.04 -7.58
N MET B 148 5.73 -20.04 -7.53
CA MET B 148 5.56 -19.55 -6.22
CA MET B 148 5.30 -19.55 -6.22
C MET B 148 5.10 -18.09 -6.20
C MET B 148 5.05 -18.04 -6.19
N GLY B 149 5.45 -17.33 -7.23
CA GLY B 149 5.17 -15.91 -7.29
C GLY B 149 5.99 -15.06 -6.34
N ARG B 150 7.21 -15.49 -6.05
CA ARG B 150 8.08 -14.81 -5.10
C ARG B 150 9.38 -14.22 -5.72
N SER B 151 9.89 -14.82 -6.81
CA SER B 151 11.24 -14.51 -7.37
C SER B 151 11.20 -14.04 -8.82
N ARG B 152 10.87 -14.93 -9.75
CA ARG B 152 10.86 -14.58 -11.17
C ARG B 152 9.84 -13.47 -11.46
N SER B 153 8.60 -13.67 -11.03
CA SER B 153 7.56 -12.74 -11.36
C SER B 153 7.84 -11.41 -10.68
N ALA B 154 8.24 -11.50 -9.42
CA ALA B 154 8.54 -10.33 -8.62
C ALA B 154 9.59 -9.50 -9.35
N THR B 155 10.63 -10.15 -9.85
CA THR B 155 11.72 -9.44 -10.52
C THR B 155 11.25 -8.69 -11.77
N LEU B 156 10.28 -9.25 -12.51
CA LEU B 156 9.77 -8.57 -13.71
C LEU B 156 8.91 -7.36 -13.36
N VAL B 157 8.12 -7.46 -12.30
CA VAL B 157 7.33 -6.32 -11.87
C VAL B 157 8.25 -5.23 -11.28
N LEU B 158 9.30 -5.62 -10.60
CA LEU B 158 10.25 -4.63 -10.09
C LEU B 158 10.86 -3.85 -11.26
N ALA B 159 11.35 -4.59 -12.27
CA ALA B 159 11.92 -4.02 -13.46
C ALA B 159 10.90 -3.10 -14.13
N TYR B 160 9.65 -3.54 -14.21
CA TYR B 160 8.61 -2.70 -14.79
C TYR B 160 8.48 -1.37 -14.08
N LEU B 161 8.38 -1.42 -12.76
CA LEU B 161 8.20 -0.19 -12.00
C LEU B 161 9.37 0.77 -12.21
N MET B 162 10.57 0.22 -12.40
CA MET B 162 11.78 1.02 -12.55
C MET B 162 11.86 1.68 -13.91
N ILE B 163 11.51 0.94 -14.94
CA ILE B 163 11.66 1.39 -16.32
C ILE B 163 10.55 2.36 -16.69
N HIS B 164 9.34 2.13 -16.17
CA HIS B 164 8.15 2.85 -16.63
C HIS B 164 7.48 3.80 -15.61
N LYS B 165 7.78 3.64 -14.32
CA LYS B 165 7.19 4.48 -13.30
C LYS B 165 8.24 5.26 -12.54
N ASP B 166 9.39 5.45 -13.19
CA ASP B 166 10.47 6.29 -12.67
C ASP B 166 10.91 5.98 -11.23
N MET B 167 10.95 4.70 -10.90
CA MET B 167 11.34 4.31 -9.56
C MET B 167 12.78 3.81 -9.54
N THR B 168 13.43 4.12 -8.43
CA THR B 168 14.66 3.49 -8.06
C THR B 168 14.31 2.08 -7.58
N LEU B 169 15.33 1.24 -7.53
CA LEU B 169 15.17 -0.12 -7.13
C LEU B 169 14.64 -0.17 -5.70
N VAL B 170 15.11 0.74 -4.84
CA VAL B 170 14.61 0.83 -3.47
C VAL B 170 13.12 1.20 -3.41
N ASP B 171 12.70 2.20 -4.15
CA ASP B 171 11.29 2.59 -4.15
C ASP B 171 10.42 1.42 -4.65
N ALA B 172 10.89 0.78 -5.72
CA ALA B 172 10.18 -0.38 -6.30
C ALA B 172 10.02 -1.53 -5.33
N ILE B 173 11.09 -1.88 -4.64
CA ILE B 173 11.01 -2.94 -3.61
C ILE B 173 9.98 -2.57 -2.52
N GLN B 174 9.98 -1.32 -2.08
CA GLN B 174 8.99 -0.88 -1.05
C GLN B 174 7.54 -1.02 -1.57
N GLN B 175 7.31 -0.65 -2.83
CA GLN B 175 5.98 -0.78 -3.44
C GLN B 175 5.50 -2.23 -3.44
N VAL B 176 6.36 -3.15 -3.88
CA VAL B 176 5.96 -4.54 -4.05
C VAL B 176 5.97 -5.28 -2.73
N ALA B 177 7.06 -5.17 -1.99
CA ALA B 177 7.21 -5.93 -0.73
C ALA B 177 6.13 -5.61 0.34
N LYS B 178 5.57 -4.40 0.33
CA LYS B 178 4.50 -4.12 1.30
C LYS B 178 3.22 -4.86 0.97
N ASN B 179 3.07 -5.26 -0.29
CA ASN B 179 1.88 -5.93 -0.81
C ASN B 179 2.01 -7.46 -0.93
N ARG B 180 3.24 -7.95 -1.04
CA ARG B 180 3.48 -9.36 -1.22
C ARG B 180 4.89 -9.73 -0.72
N CYS B 181 4.99 -10.81 0.04
CA CYS B 181 6.29 -11.35 0.44
C CYS B 181 6.97 -11.79 -0.85
N VAL B 182 8.03 -11.10 -1.25
CA VAL B 182 8.83 -11.48 -2.42
C VAL B 182 10.32 -11.49 -2.06
N LEU B 183 11.06 -12.29 -2.80
CA LEU B 183 12.51 -12.40 -2.61
C LEU B 183 13.12 -12.92 -3.91
N PRO B 184 13.54 -11.99 -4.78
CA PRO B 184 14.27 -12.40 -5.98
C PRO B 184 15.55 -13.13 -5.61
N ASN B 185 15.91 -14.13 -6.40
CA ASN B 185 17.08 -14.93 -6.06
C ASN B 185 18.31 -14.03 -6.19
N ARG B 186 19.44 -14.47 -5.65
CA ARG B 186 20.63 -13.63 -5.56
C ARG B 186 21.12 -13.14 -6.94
N GLY B 187 20.88 -13.93 -7.98
CA GLY B 187 21.28 -13.56 -9.34
C GLY B 187 20.33 -12.52 -9.93
N PHE B 188 19.04 -12.72 -9.75
CA PHE B 188 18.05 -11.75 -10.20
C PHE B 188 18.27 -10.39 -9.56
N LEU B 189 18.66 -10.42 -8.29
CA LEU B 189 18.90 -9.21 -7.54
C LEU B 189 20.12 -8.49 -8.09
N LYS B 190 21.20 -9.23 -8.31
CA LYS B 190 22.37 -8.68 -9.01
C LYS B 190 21.93 -8.03 -10.35
N GLN B 191 21.07 -8.71 -11.10
CA GLN B 191 20.55 -8.19 -12.39
C GLN B 191 19.76 -6.90 -12.19
N LEU B 192 18.93 -6.83 -11.16
CA LEU B 192 18.16 -5.62 -10.86
C LEU B 192 19.07 -4.50 -10.42
N ARG B 193 20.15 -4.81 -9.69
CA ARG B 193 21.11 -3.76 -9.29
C ARG B 193 21.70 -3.15 -10.55
N GLU B 194 22.05 -4.01 -11.50
CA GLU B 194 22.68 -3.52 -12.74
C GLU B 194 21.71 -2.69 -13.56
N LEU B 195 20.44 -3.11 -13.65
CA LEU B 195 19.42 -2.26 -14.24
C LEU B 195 19.30 -0.93 -13.53
N ASP B 196 19.32 -0.94 -12.20
CA ASP B 196 19.22 0.30 -11.38
C ASP B 196 20.39 1.24 -11.69
N LYS B 197 21.59 0.71 -11.78
CA LYS B 197 22.77 1.51 -12.20
C LYS B 197 22.62 2.15 -13.60
N GLN B 198 22.22 1.37 -14.60
CA GLN B 198 21.93 1.88 -15.94
C GLN B 198 20.88 2.98 -15.89
N LEU B 199 19.77 2.78 -15.19
CA LEU B 199 18.73 3.81 -15.15
C LEU B 199 19.16 5.12 -14.47
N VAL B 200 20.00 5.03 -13.45
CA VAL B 200 20.56 6.22 -12.79
C VAL B 200 21.79 6.77 -13.53
#